data_6TJD
#
_entry.id   6TJD
#
_cell.length_a   34.913
_cell.length_b   65.758
_cell.length_c   71.205
_cell.angle_alpha   90.000
_cell.angle_beta   91.045
_cell.angle_gamma   90.000
#
_symmetry.space_group_name_H-M   'P 1 21 1'
#
loop_
_entity.id
_entity.type
_entity.pdbx_description
1 polymer Cake4
2 non-polymer (4S)-2-METHYL-2,4-PENTANEDIOL
3 water water
#
_entity_poly.entity_id   1
_entity_poly.type   'polypeptide(L)'
_entity_poly.pdbx_seq_one_letter_code
;GSHMDGTEKWRFKTGKAIEASPVIGEDGTIYVGSNDGHLYAINPDGTEKWRFKTGKAIEASPVIGEDGTIYVGSNDGHLY
AINPDGTEKWRFKTGKAIEASPVIGEDGTIYVGSNDGHLYAINPDGTEKWRFKTGKAIEASPVIGEDGTIYVGSNDGHLY
AINP
;
_entity_poly.pdbx_strand_id   A,B
#
loop_
_chem_comp.id
_chem_comp.type
_chem_comp.name
_chem_comp.formula
MPD non-polymer (4S)-2-METHYL-2,4-PENTANEDIOL 'C6 H14 O2'
#
# COMPACT_ATOMS: atom_id res chain seq x y z
N ASP A 5 21.05 -5.79 -10.69
CA ASP A 5 22.16 -6.30 -9.90
C ASP A 5 22.27 -5.58 -8.56
N GLY A 6 21.19 -4.91 -8.17
CA GLY A 6 21.21 -4.16 -6.93
C GLY A 6 21.97 -2.85 -7.01
N THR A 7 22.17 -2.32 -8.21
CA THR A 7 22.83 -1.03 -8.40
C THR A 7 21.79 0.02 -8.77
N GLU A 8 22.11 1.28 -8.47
CA GLU A 8 21.18 2.37 -8.68
C GLU A 8 21.14 2.77 -10.15
N LYS A 9 19.92 2.87 -10.69
CA LYS A 9 19.74 3.37 -12.05
C LYS A 9 19.70 4.89 -12.06
N TRP A 10 18.80 5.48 -11.28
CA TRP A 10 18.79 6.92 -11.05
C TRP A 10 18.03 7.20 -9.76
N ARG A 11 18.10 8.45 -9.31
CA ARG A 11 17.36 8.91 -8.16
C ARG A 11 16.66 10.22 -8.50
N PHE A 12 15.49 10.41 -7.92
CA PHE A 12 14.68 11.61 -8.12
C PHE A 12 14.44 12.26 -6.77
N LYS A 13 14.91 13.49 -6.60
CA LYS A 13 14.85 14.18 -5.32
C LYS A 13 13.56 14.99 -5.21
N THR A 14 12.80 14.72 -4.15
CA THR A 14 11.70 15.58 -3.74
C THR A 14 12.15 16.40 -2.53
N GLY A 15 11.23 17.24 -2.03
CA GLY A 15 11.58 18.13 -0.94
C GLY A 15 11.57 17.50 0.43
N LYS A 16 10.84 16.41 0.62
CA LYS A 16 10.74 15.76 1.92
C LYS A 16 10.65 14.26 1.72
N ALA A 17 10.50 13.54 2.84
CA ALA A 17 10.50 12.09 2.81
C ALA A 17 9.39 11.54 1.93
N ILE A 18 9.67 10.43 1.25
CA ILE A 18 8.67 9.72 0.47
C ILE A 18 8.23 8.52 1.29
N GLU A 19 7.03 8.62 1.89
CA GLU A 19 6.50 7.55 2.73
C GLU A 19 5.59 6.59 1.97
N ALA A 20 5.20 6.93 0.74
CA ALA A 20 4.22 6.16 0.00
C ALA A 20 4.84 5.56 -1.25
N SER A 21 4.34 4.38 -1.63
CA SER A 21 4.81 3.71 -2.82
C SER A 21 4.43 4.50 -4.07
N PRO A 22 5.24 4.43 -5.11
CA PRO A 22 4.85 5.00 -6.40
C PRO A 22 3.90 4.04 -7.13
N VAL A 23 3.44 4.48 -8.30
CA VAL A 23 2.65 3.63 -9.17
C VAL A 23 2.97 4.04 -10.60
N ILE A 24 2.87 3.07 -11.51
CA ILE A 24 3.35 3.23 -12.88
C ILE A 24 2.16 3.21 -13.82
N GLY A 25 2.11 4.19 -14.72
CA GLY A 25 1.06 4.28 -15.72
C GLY A 25 1.32 3.38 -16.91
N GLU A 26 0.39 3.45 -17.86
CA GLU A 26 0.48 2.61 -19.05
C GLU A 26 1.68 2.95 -19.92
N ASP A 27 2.06 4.23 -19.97
CA ASP A 27 3.16 4.68 -20.80
C ASP A 27 4.50 4.70 -20.06
N GLY A 28 4.57 4.07 -18.89
CA GLY A 28 5.80 4.01 -18.13
C GLY A 28 6.02 5.15 -17.17
N THR A 29 5.13 6.12 -17.10
CA THR A 29 5.29 7.24 -16.19
C THR A 29 5.16 6.77 -14.75
N ILE A 30 6.06 7.25 -13.90
CA ILE A 30 6.07 6.91 -12.49
C ILE A 30 5.48 8.07 -11.71
N TYR A 31 4.42 7.81 -10.95
CA TYR A 31 3.76 8.80 -10.11
C TYR A 31 4.06 8.50 -8.65
N VAL A 32 4.46 9.51 -7.90
CA VAL A 32 4.79 9.32 -6.49
C VAL A 32 4.39 10.58 -5.72
N GLY A 33 3.86 10.39 -4.53
CA GLY A 33 3.55 11.49 -3.63
C GLY A 33 4.67 11.67 -2.62
N SER A 34 4.91 12.92 -2.24
CA SER A 34 5.98 13.26 -1.32
C SER A 34 5.42 13.97 -0.09
N ASN A 35 6.20 13.92 1.00
CA ASN A 35 5.82 14.66 2.19
C ASN A 35 5.87 16.17 1.95
N ASP A 36 6.52 16.62 0.88
CA ASP A 36 6.52 18.05 0.55
C ASP A 36 5.19 18.52 -0.04
N GLY A 37 4.21 17.63 -0.15
CA GLY A 37 2.86 18.00 -0.57
C GLY A 37 2.57 17.80 -2.04
N HIS A 38 3.54 17.38 -2.83
CA HIS A 38 3.39 17.32 -4.28
C HIS A 38 3.20 15.88 -4.76
N LEU A 39 2.38 15.75 -5.80
CA LEU A 39 2.33 14.52 -6.60
C LEU A 39 3.24 14.71 -7.81
N TYR A 40 4.24 13.85 -7.94
CA TYR A 40 5.23 13.97 -9.01
C TYR A 40 4.96 12.96 -10.11
N ALA A 41 5.09 13.43 -11.35
CA ALA A 41 5.09 12.55 -12.52
C ALA A 41 6.51 12.51 -13.06
N ILE A 42 7.11 11.31 -13.06
CA ILE A 42 8.51 11.14 -13.39
C ILE A 42 8.61 10.29 -14.65
N ASN A 43 9.40 10.76 -15.61
CA ASN A 43 9.66 9.98 -16.81
C ASN A 43 10.57 8.80 -16.47
N PRO A 44 10.53 7.73 -17.27
CA PRO A 44 11.34 6.54 -16.95
C PRO A 44 12.83 6.80 -16.91
N ASP A 45 13.32 7.92 -17.46
CA ASP A 45 14.72 8.26 -17.42
C ASP A 45 15.09 9.09 -16.20
N GLY A 46 14.15 9.33 -15.29
CA GLY A 46 14.43 10.02 -14.05
C GLY A 46 14.14 11.50 -14.05
N THR A 47 13.79 12.09 -15.19
CA THR A 47 13.46 13.52 -15.25
C THR A 47 12.00 13.73 -14.91
N GLU A 48 11.71 14.89 -14.32
CA GLU A 48 10.36 15.20 -13.89
C GLU A 48 9.50 15.55 -15.10
N LYS A 49 8.30 14.96 -15.16
CA LYS A 49 7.32 15.33 -16.18
C LYS A 49 6.47 16.52 -15.71
N TRP A 50 5.87 16.42 -14.53
CA TRP A 50 5.20 17.55 -13.91
C TRP A 50 5.02 17.27 -12.43
N ARG A 51 4.50 18.28 -11.72
CA ARG A 51 4.20 18.18 -10.31
C ARG A 51 2.86 18.87 -10.05
N PHE A 52 2.17 18.41 -9.01
CA PHE A 52 0.91 19.02 -8.59
C PHE A 52 0.94 19.18 -7.08
N LYS A 53 0.78 20.41 -6.61
CA LYS A 53 0.90 20.73 -5.19
C LYS A 53 -0.46 20.59 -4.51
N THR A 54 -0.51 19.76 -3.47
CA THR A 54 -1.63 19.73 -2.56
C THR A 54 -1.29 20.54 -1.31
N GLY A 55 -2.25 20.63 -0.39
CA GLY A 55 -2.09 21.48 0.78
C GLY A 55 -1.14 20.96 1.84
N LYS A 56 -1.00 19.64 1.95
CA LYS A 56 -0.18 19.05 3.00
C LYS A 56 0.53 17.82 2.45
N ALA A 57 1.25 17.14 3.35
CA ALA A 57 2.04 15.98 2.95
C ALA A 57 1.17 14.89 2.35
N ILE A 58 1.75 14.16 1.40
CA ILE A 58 1.09 13.00 0.79
C ILE A 58 1.84 11.77 1.26
N GLU A 59 1.24 11.01 2.18
CA GLU A 59 1.80 9.76 2.67
C GLU A 59 1.02 8.55 2.18
N ALA A 60 0.21 8.71 1.14
CA ALA A 60 -0.56 7.63 0.56
C ALA A 60 -0.23 7.49 -0.92
N SER A 61 -0.19 6.26 -1.40
CA SER A 61 0.18 6.00 -2.77
C SER A 61 -0.94 6.41 -3.72
N PRO A 62 -0.60 6.90 -4.91
CA PRO A 62 -1.62 7.18 -5.92
C PRO A 62 -2.06 5.91 -6.63
N VAL A 63 -3.27 5.97 -7.18
CA VAL A 63 -3.79 4.91 -8.02
C VAL A 63 -4.28 5.52 -9.33
N ILE A 64 -4.32 4.69 -10.37
CA ILE A 64 -4.61 5.14 -11.72
C ILE A 64 -5.91 4.49 -12.18
N GLY A 65 -6.83 5.30 -12.72
CA GLY A 65 -8.05 4.79 -13.28
C GLY A 65 -7.88 4.32 -14.72
N GLU A 66 -8.96 3.75 -15.26
CA GLU A 66 -8.90 3.19 -16.60
C GLU A 66 -8.60 4.25 -17.65
N ASP A 67 -9.09 5.47 -17.46
CA ASP A 67 -8.85 6.55 -18.41
C ASP A 67 -7.55 7.31 -18.14
N GLY A 68 -6.70 6.79 -17.25
CA GLY A 68 -5.44 7.43 -16.95
C GLY A 68 -5.47 8.44 -15.84
N THR A 69 -6.63 8.70 -15.24
CA THR A 69 -6.71 9.64 -14.13
C THR A 69 -5.94 9.11 -12.92
N ILE A 70 -5.14 9.98 -12.31
CA ILE A 70 -4.33 9.63 -11.14
C ILE A 70 -5.02 10.20 -9.91
N TYR A 71 -5.49 9.31 -9.04
CA TYR A 71 -6.13 9.70 -7.78
C TYR A 71 -5.12 9.61 -6.65
N VAL A 72 -5.08 10.65 -5.83
CA VAL A 72 -4.12 10.70 -4.72
C VAL A 72 -4.77 11.39 -3.54
N GLY A 73 -4.63 10.81 -2.35
CA GLY A 73 -5.11 11.40 -1.12
C GLY A 73 -4.03 12.19 -0.43
N SER A 74 -4.42 13.31 0.17
CA SER A 74 -3.48 14.22 0.82
C SER A 74 -3.85 14.40 2.29
N ASN A 75 -2.86 14.85 3.07
CA ASN A 75 -3.11 15.17 4.47
C ASN A 75 -3.99 16.40 4.64
N ASP A 76 -4.27 17.13 3.56
CA ASP A 76 -5.21 18.25 3.63
C ASP A 76 -6.67 17.81 3.61
N GLY A 77 -6.92 16.51 3.64
CA GLY A 77 -8.27 15.98 3.71
C GLY A 77 -8.93 15.71 2.37
N HIS A 78 -8.27 15.99 1.26
CA HIS A 78 -8.88 15.87 -0.05
C HIS A 78 -8.37 14.63 -0.79
N LEU A 79 -9.26 14.04 -1.58
CA LEU A 79 -8.89 13.07 -2.60
C LEU A 79 -8.89 13.81 -3.94
N TYR A 80 -7.70 13.95 -4.54
CA TYR A 80 -7.55 14.67 -5.79
C TYR A 80 -7.60 13.72 -6.97
N ALA A 81 -8.26 14.15 -8.05
CA ALA A 81 -8.25 13.44 -9.32
C ALA A 81 -7.48 14.30 -10.31
N ILE A 82 -6.32 13.82 -10.73
CA ILE A 82 -5.40 14.59 -11.57
C ILE A 82 -5.38 13.98 -12.97
N ASN A 83 -5.56 14.82 -13.98
CA ASN A 83 -5.49 14.38 -15.35
C ASN A 83 -4.06 13.97 -15.70
N PRO A 84 -3.88 13.13 -16.72
CA PRO A 84 -2.52 12.74 -17.13
C PRO A 84 -1.62 13.90 -17.51
N ASP A 85 -2.18 15.04 -17.91
CA ASP A 85 -1.38 16.19 -18.30
C ASP A 85 -0.97 17.07 -17.11
N GLY A 86 -1.32 16.67 -15.89
CA GLY A 86 -0.89 17.38 -14.71
C GLY A 86 -1.90 18.36 -14.15
N THR A 87 -3.00 18.62 -14.84
CA THR A 87 -4.03 19.52 -14.36
C THR A 87 -5.05 18.75 -13.52
N GLU A 88 -5.53 19.40 -12.47
CA GLU A 88 -6.53 18.79 -11.61
C GLU A 88 -7.85 18.63 -12.36
N LYS A 89 -8.50 17.49 -12.15
CA LYS A 89 -9.85 17.25 -12.67
C LYS A 89 -10.92 17.61 -11.65
N TRP A 90 -10.83 17.08 -10.44
CA TRP A 90 -11.69 17.50 -9.34
C TRP A 90 -11.02 17.13 -8.02
N ARG A 91 -11.64 17.54 -6.92
CA ARG A 91 -11.20 17.18 -5.58
C ARG A 91 -12.43 16.85 -4.75
N PHE A 92 -12.22 15.98 -3.76
CA PHE A 92 -13.29 15.59 -2.84
C PHE A 92 -12.79 15.74 -1.41
N LYS A 93 -13.49 16.54 -0.61
CA LYS A 93 -13.05 16.85 0.73
C LYS A 93 -13.68 15.90 1.74
N THR A 94 -12.85 15.33 2.60
CA THR A 94 -13.28 14.56 3.76
C THR A 94 -13.03 15.38 5.03
N GLY A 95 -13.45 14.83 6.17
CA GLY A 95 -13.39 15.59 7.40
C GLY A 95 -11.99 15.76 7.97
N LYS A 96 -11.11 14.81 7.69
CA LYS A 96 -9.76 14.83 8.25
C LYS A 96 -8.77 14.34 7.20
N ALA A 97 -7.50 14.26 7.60
CA ALA A 97 -6.43 13.91 6.68
C ALA A 97 -6.65 12.52 6.08
N ILE A 98 -6.20 12.34 4.85
CA ILE A 98 -6.24 11.04 4.18
C ILE A 98 -4.82 10.49 4.17
N GLU A 99 -4.61 9.40 4.90
CA GLU A 99 -3.30 8.74 4.96
C GLU A 99 -3.28 7.41 4.25
N ALA A 100 -4.39 7.00 3.63
CA ALA A 100 -4.49 5.70 2.96
C ALA A 100 -4.73 5.90 1.48
N SER A 101 -4.15 5.02 0.67
CA SER A 101 -4.32 5.06 -0.77
C SER A 101 -5.73 4.62 -1.15
N PRO A 102 -6.31 5.21 -2.19
CA PRO A 102 -7.63 4.77 -2.64
C PRO A 102 -7.54 3.47 -3.42
N VAL A 103 -8.72 2.91 -3.71
CA VAL A 103 -8.84 1.75 -4.58
C VAL A 103 -10.04 1.97 -5.50
N ILE A 104 -9.97 1.38 -6.69
CA ILE A 104 -10.96 1.62 -7.74
C ILE A 104 -11.69 0.31 -8.03
N GLY A 105 -13.02 0.36 -7.99
CA GLY A 105 -13.82 -0.80 -8.32
C GLY A 105 -13.98 -0.99 -9.81
N GLU A 106 -14.55 -2.15 -10.16
CA GLU A 106 -14.74 -2.49 -11.57
C GLU A 106 -15.67 -1.50 -12.26
N ASP A 107 -16.62 -0.92 -11.53
CA ASP A 107 -17.55 0.04 -12.10
C ASP A 107 -16.98 1.45 -12.15
N GLY A 108 -15.74 1.65 -11.70
CA GLY A 108 -15.13 2.96 -11.69
C GLY A 108 -15.23 3.71 -10.38
N THR A 109 -15.93 3.16 -9.39
CA THR A 109 -16.02 3.82 -8.09
C THR A 109 -14.66 3.85 -7.41
N ILE A 110 -14.36 5.00 -6.79
CA ILE A 110 -13.11 5.20 -6.08
C ILE A 110 -13.40 5.20 -4.59
N TYR A 111 -12.84 4.22 -3.88
CA TYR A 111 -13.01 4.09 -2.44
C TYR A 111 -11.76 4.61 -1.74
N VAL A 112 -11.95 5.46 -0.74
CA VAL A 112 -10.83 6.06 -0.01
C VAL A 112 -11.21 6.17 1.47
N GLY A 113 -10.25 5.83 2.33
CA GLY A 113 -10.44 5.99 3.76
C GLY A 113 -9.87 7.29 4.25
N SER A 114 -10.47 7.82 5.31
CA SER A 114 -10.08 9.11 5.87
C SER A 114 -9.82 8.98 7.36
N ASN A 115 -9.08 9.95 7.90
CA ASN A 115 -8.88 9.99 9.34
C ASN A 115 -10.16 10.39 10.09
N ASP A 116 -11.21 10.80 9.39
CA ASP A 116 -12.48 11.08 10.02
C ASP A 116 -13.27 9.83 10.36
N GLY A 117 -12.72 8.64 10.07
CA GLY A 117 -13.34 7.38 10.41
C GLY A 117 -14.14 6.74 9.30
N HIS A 118 -14.34 7.42 8.18
CA HIS A 118 -15.23 6.95 7.14
C HIS A 118 -14.46 6.36 5.96
N LEU A 119 -15.07 5.35 5.34
CA LEU A 119 -14.66 4.91 4.01
C LEU A 119 -15.65 5.50 3.01
N TYR A 120 -15.14 6.30 2.08
CA TYR A 120 -15.97 7.00 1.11
C TYR A 120 -15.97 6.28 -0.22
N ALA A 121 -17.15 6.16 -0.81
CA ALA A 121 -17.31 5.69 -2.18
C ALA A 121 -17.56 6.89 -3.07
N ILE A 122 -16.65 7.16 -4.01
CA ILE A 122 -16.68 8.36 -4.82
C ILE A 122 -16.95 7.98 -6.27
N ASN A 123 -17.97 8.60 -6.85
CA ASN A 123 -18.25 8.41 -8.26
C ASN A 123 -17.12 9.00 -9.10
N PRO A 124 -16.92 8.51 -10.32
CA PRO A 124 -15.83 9.03 -11.17
C PRO A 124 -15.94 10.52 -11.46
N ASP A 125 -17.11 11.13 -11.27
CA ASP A 125 -17.27 12.56 -11.50
C ASP A 125 -17.01 13.40 -10.27
N GLY A 126 -16.59 12.79 -9.16
CA GLY A 126 -16.23 13.52 -7.96
C GLY A 126 -17.32 13.63 -6.91
N THR A 127 -18.50 13.09 -7.17
CA THR A 127 -19.60 13.16 -6.20
C THR A 127 -19.60 11.92 -5.31
N GLU A 128 -20.06 12.09 -4.08
CA GLU A 128 -20.06 10.99 -3.12
C GLU A 128 -21.16 10.00 -3.46
N LYS A 129 -20.81 8.72 -3.46
CA LYS A 129 -21.80 7.64 -3.60
C LYS A 129 -22.37 7.24 -2.24
N TRP A 130 -21.49 6.90 -1.29
CA TRP A 130 -21.90 6.70 0.09
C TRP A 130 -20.67 6.79 0.98
N ARG A 131 -20.90 6.72 2.29
CA ARG A 131 -19.84 6.71 3.28
C ARG A 131 -20.14 5.63 4.31
N PHE A 132 -19.10 4.93 4.75
CA PHE A 132 -19.22 3.89 5.76
C PHE A 132 -18.39 4.31 6.97
N LYS A 133 -19.05 4.46 8.12
CA LYS A 133 -18.40 4.96 9.32
C LYS A 133 -17.84 3.80 10.14
N THR A 134 -16.60 3.95 10.59
CA THR A 134 -15.97 3.07 11.55
C THR A 134 -15.73 3.84 12.85
N GLY A 135 -15.22 3.14 13.86
CA GLY A 135 -15.07 3.73 15.17
C GLY A 135 -13.94 4.74 15.26
N LYS A 136 -12.91 4.59 14.43
CA LYS A 136 -11.75 5.47 14.48
C LYS A 136 -11.24 5.71 13.06
N ALA A 137 -10.11 6.40 12.97
CA ALA A 137 -9.53 6.75 11.69
C ALA A 137 -9.22 5.52 10.86
N ILE A 138 -9.28 5.68 9.54
CA ILE A 138 -8.90 4.63 8.60
C ILE A 138 -7.59 5.03 7.97
N GLU A 139 -6.51 4.38 8.37
CA GLU A 139 -5.19 4.61 7.80
C GLU A 139 -4.80 3.58 6.74
N ALA A 140 -5.65 2.59 6.50
CA ALA A 140 -5.34 1.48 5.61
C ALA A 140 -6.18 1.56 4.36
N SER A 141 -5.56 1.26 3.21
CA SER A 141 -6.28 1.22 1.95
C SER A 141 -7.29 0.07 1.96
N PRO A 142 -8.38 0.20 1.20
CA PRO A 142 -9.32 -0.91 1.07
C PRO A 142 -8.96 -1.82 -0.09
N VAL A 143 -9.55 -3.01 -0.07
CA VAL A 143 -9.35 -4.03 -1.09
C VAL A 143 -10.70 -4.62 -1.46
N ILE A 144 -10.85 -4.96 -2.73
CA ILE A 144 -12.12 -5.40 -3.29
C ILE A 144 -12.01 -6.87 -3.70
N GLY A 145 -12.96 -7.68 -3.27
CA GLY A 145 -12.99 -9.07 -3.63
C GLY A 145 -13.59 -9.31 -4.99
N GLU A 146 -13.55 -10.58 -5.41
CA GLU A 146 -14.05 -10.94 -6.75
C GLU A 146 -15.55 -10.71 -6.86
N ASP A 147 -16.27 -10.77 -5.74
CA ASP A 147 -17.72 -10.58 -5.73
C ASP A 147 -18.13 -9.13 -5.48
N GLY A 148 -17.19 -8.19 -5.51
CA GLY A 148 -17.49 -6.80 -5.29
C GLY A 148 -17.39 -6.33 -3.85
N THR A 149 -17.23 -7.24 -2.90
CA THR A 149 -17.14 -6.85 -1.49
C THR A 149 -15.91 -6.00 -1.25
N ILE A 150 -16.07 -4.96 -0.44
CA ILE A 150 -14.98 -4.05 -0.08
C ILE A 150 -14.57 -4.35 1.35
N TYR A 151 -13.29 -4.68 1.54
CA TYR A 151 -12.71 -4.93 2.86
C TYR A 151 -11.81 -3.78 3.24
N VAL A 152 -11.96 -3.29 4.47
CA VAL A 152 -11.14 -2.18 4.95
C VAL A 152 -10.91 -2.38 6.46
N GLY A 153 -9.70 -2.05 6.90
CA GLY A 153 -9.36 -2.06 8.31
C GLY A 153 -9.49 -0.67 8.89
N SER A 154 -9.70 -0.62 10.21
CA SER A 154 -9.89 0.63 10.92
C SER A 154 -9.02 0.65 12.16
N ASN A 155 -8.77 1.86 12.66
CA ASN A 155 -8.06 2.02 13.93
C ASN A 155 -8.87 1.54 15.12
N ASP A 156 -10.14 1.20 14.94
CA ASP A 156 -10.94 0.59 15.99
C ASP A 156 -10.70 -0.91 16.12
N GLY A 157 -9.75 -1.46 15.36
CA GLY A 157 -9.35 -2.84 15.49
C GLY A 157 -10.09 -3.82 14.60
N HIS A 158 -11.12 -3.38 13.89
CA HIS A 158 -11.97 -4.28 13.13
C HIS A 158 -11.59 -4.29 11.65
N LEU A 159 -11.76 -5.44 11.03
CA LEU A 159 -11.76 -5.57 9.57
C LEU A 159 -13.21 -5.63 9.11
N TYR A 160 -13.63 -4.64 8.32
CA TYR A 160 -15.00 -4.54 7.86
C TYR A 160 -15.13 -5.11 6.45
N ALA A 161 -16.18 -5.88 6.23
CA ALA A 161 -16.59 -6.30 4.90
C ALA A 161 -17.87 -5.55 4.55
N ILE A 162 -17.85 -4.84 3.42
CA ILE A 162 -18.90 -3.89 3.07
C ILE A 162 -19.48 -4.27 1.72
N ASN A 163 -20.81 -4.30 1.64
CA ASN A 163 -21.47 -4.51 0.36
C ASN A 163 -21.28 -3.28 -0.53
N PRO A 164 -21.15 -3.46 -1.85
CA PRO A 164 -20.95 -2.36 -2.81
C PRO A 164 -22.03 -1.28 -2.72
N ASP B 5 -25.12 -0.81 -1.55
CA ASP B 5 -25.80 0.14 -0.68
C ASP B 5 -24.86 0.65 0.41
N GLY B 6 -23.63 0.14 0.41
CA GLY B 6 -22.66 0.55 1.41
C GLY B 6 -23.00 0.11 2.82
N THR B 7 -23.61 -1.07 2.96
CA THR B 7 -23.97 -1.60 4.26
C THR B 7 -23.00 -2.69 4.70
N GLU B 8 -22.87 -2.85 6.01
CA GLU B 8 -21.90 -3.77 6.57
C GLU B 8 -22.32 -5.22 6.31
N LYS B 9 -21.40 -6.01 5.77
CA LYS B 9 -21.59 -7.44 5.61
C LYS B 9 -21.22 -8.19 6.89
N TRP B 10 -20.02 -7.94 7.42
CA TRP B 10 -19.63 -8.41 8.74
C TRP B 10 -18.42 -7.60 9.19
N ARG B 11 -17.98 -7.86 10.42
CA ARG B 11 -16.78 -7.24 10.98
C ARG B 11 -16.01 -8.29 11.74
N PHE B 12 -14.68 -8.25 11.64
CA PHE B 12 -13.80 -9.14 12.37
C PHE B 12 -12.93 -8.31 13.31
N LYS B 13 -12.99 -8.63 14.60
CA LYS B 13 -12.28 -7.88 15.62
C LYS B 13 -10.88 -8.44 15.82
N THR B 14 -9.89 -7.55 15.81
CA THR B 14 -8.52 -7.87 16.21
C THR B 14 -8.21 -7.13 17.50
N GLY B 15 -7.00 -7.37 18.03
CA GLY B 15 -6.64 -6.83 19.33
C GLY B 15 -6.36 -5.35 19.34
N LYS B 16 -5.80 -4.81 18.26
CA LYS B 16 -5.43 -3.40 18.21
C LYS B 16 -5.76 -2.87 16.82
N ALA B 17 -5.35 -1.62 16.57
CA ALA B 17 -5.68 -0.95 15.32
C ALA B 17 -5.14 -1.70 14.12
N ILE B 18 -5.87 -1.63 13.01
CA ILE B 18 -5.46 -2.21 11.75
C ILE B 18 -5.01 -1.08 10.84
N GLU B 19 -3.69 -0.96 10.66
CA GLU B 19 -3.11 0.06 9.79
C GLU B 19 -2.78 -0.46 8.40
N ALA B 20 -2.79 -1.77 8.19
CA ALA B 20 -2.37 -2.37 6.95
C ALA B 20 -3.59 -2.75 6.10
N SER B 21 -3.48 -2.53 4.80
CA SER B 21 -4.51 -2.96 3.88
C SER B 21 -4.52 -4.48 3.81
N PRO B 22 -5.69 -5.11 3.69
CA PRO B 22 -5.74 -6.56 3.54
C PRO B 22 -5.26 -6.99 2.17
N VAL B 23 -5.21 -8.30 2.00
CA VAL B 23 -4.94 -8.91 0.70
C VAL B 23 -5.77 -10.18 0.60
N ILE B 24 -6.21 -10.48 -0.62
CA ILE B 24 -7.16 -11.56 -0.87
C ILE B 24 -6.45 -12.67 -1.64
N GLY B 25 -6.59 -13.90 -1.14
CA GLY B 25 -6.01 -15.04 -1.82
C GLY B 25 -6.89 -15.57 -2.92
N GLU B 26 -6.35 -16.55 -3.66
CA GLU B 26 -7.07 -17.12 -4.79
C GLU B 26 -8.32 -17.87 -4.34
N ASP B 27 -8.32 -18.43 -3.14
CA ASP B 27 -9.48 -19.13 -2.61
C ASP B 27 -10.47 -18.19 -1.92
N GLY B 28 -10.23 -16.88 -1.98
CA GLY B 28 -11.10 -15.92 -1.34
C GLY B 28 -10.73 -15.55 0.08
N THR B 29 -9.68 -16.17 0.63
CA THR B 29 -9.27 -15.86 1.99
C THR B 29 -8.74 -14.43 2.07
N ILE B 30 -9.15 -13.71 3.11
CA ILE B 30 -8.70 -12.35 3.36
C ILE B 30 -7.64 -12.40 4.45
N TYR B 31 -6.41 -12.00 4.10
CA TYR B 31 -5.32 -11.89 5.06
C TYR B 31 -5.14 -10.43 5.44
N VAL B 32 -5.02 -10.18 6.74
CA VAL B 32 -4.85 -8.82 7.23
C VAL B 32 -3.99 -8.86 8.49
N GLY B 33 -3.07 -7.90 8.60
CA GLY B 33 -2.23 -7.76 9.77
C GLY B 33 -2.76 -6.67 10.69
N SER B 34 -2.55 -6.86 11.99
CA SER B 34 -3.04 -5.96 13.01
C SER B 34 -1.89 -5.44 13.86
N ASN B 35 -2.17 -4.36 14.61
CA ASN B 35 -1.18 -3.85 15.55
C ASN B 35 -1.03 -4.73 16.77
N ASP B 36 -1.85 -5.78 16.91
CA ASP B 36 -1.67 -6.76 17.97
C ASP B 36 -0.58 -7.77 17.64
N GLY B 37 0.09 -7.63 16.50
CA GLY B 37 1.20 -8.48 16.12
C GLY B 37 0.85 -9.65 15.24
N HIS B 38 -0.43 -9.91 15.00
CA HIS B 38 -0.87 -11.10 14.30
C HIS B 38 -1.19 -10.80 12.84
N LEU B 39 -0.96 -11.80 11.99
CA LEU B 39 -1.52 -11.85 10.64
C LEU B 39 -2.72 -12.79 10.67
N TYR B 40 -3.90 -12.25 10.41
CA TYR B 40 -5.14 -13.01 10.47
C TYR B 40 -5.54 -13.49 9.08
N ALA B 41 -5.93 -14.75 8.99
CA ALA B 41 -6.54 -15.32 7.79
C ALA B 41 -8.03 -15.44 8.04
N ILE B 42 -8.83 -14.68 7.28
CA ILE B 42 -10.26 -14.58 7.51
C ILE B 42 -10.98 -15.25 6.35
N ASN B 43 -11.90 -16.15 6.68
CA ASN B 43 -12.77 -16.73 5.66
C ASN B 43 -13.73 -15.66 5.15
N PRO B 44 -14.22 -15.80 3.92
CA PRO B 44 -15.15 -14.79 3.37
C PRO B 44 -16.43 -14.62 4.18
N ASP B 45 -16.75 -15.53 5.09
CA ASP B 45 -17.93 -15.41 5.93
C ASP B 45 -17.64 -14.72 7.26
N GLY B 46 -16.46 -14.12 7.42
CA GLY B 46 -16.12 -13.40 8.62
C GLY B 46 -15.46 -14.23 9.71
N THR B 47 -15.44 -15.55 9.59
CA THR B 47 -14.84 -16.40 10.61
C THR B 47 -13.34 -16.51 10.39
N GLU B 48 -12.61 -16.69 11.49
CA GLU B 48 -11.16 -16.76 11.43
C GLU B 48 -10.72 -18.13 10.92
N LYS B 49 -9.86 -18.14 9.90
CA LYS B 49 -9.25 -19.38 9.45
C LYS B 49 -8.07 -19.77 10.33
N TRP B 50 -7.13 -18.85 10.51
CA TRP B 50 -6.05 -19.02 11.48
C TRP B 50 -5.43 -17.66 11.77
N ARG B 51 -4.42 -17.65 12.63
CA ARG B 51 -3.67 -16.45 12.96
C ARG B 51 -2.21 -16.82 13.13
N PHE B 52 -1.33 -15.87 12.78
CA PHE B 52 0.11 -16.07 12.88
C PHE B 52 0.70 -14.90 13.66
N LYS B 53 1.35 -15.21 14.78
CA LYS B 53 1.88 -14.19 15.68
C LYS B 53 3.30 -13.81 15.30
N THR B 54 3.57 -12.50 15.26
CA THR B 54 4.90 -11.97 15.10
C THR B 54 5.29 -11.21 16.36
N GLY B 55 6.52 -10.70 16.37
CA GLY B 55 7.06 -10.11 17.59
C GLY B 55 6.36 -8.82 17.98
N LYS B 56 6.08 -7.95 17.02
CA LYS B 56 5.45 -6.67 17.30
C LYS B 56 4.40 -6.39 16.22
N ALA B 57 3.91 -5.15 16.19
CA ALA B 57 2.79 -4.79 15.34
C ALA B 57 3.12 -4.99 13.87
N ILE B 58 2.11 -5.37 13.10
CA ILE B 58 2.22 -5.53 11.65
C ILE B 58 1.56 -4.32 11.01
N GLU B 59 2.37 -3.43 10.45
CA GLU B 59 1.86 -2.23 9.80
C GLU B 59 1.72 -2.38 8.28
N ALA B 60 2.38 -3.38 7.70
CA ALA B 60 2.48 -3.51 6.25
C ALA B 60 1.50 -4.55 5.73
N SER B 61 1.00 -4.32 4.51
CA SER B 61 0.12 -5.27 3.88
C SER B 61 0.89 -6.53 3.49
N PRO B 62 0.23 -7.68 3.53
CA PRO B 62 0.86 -8.90 3.01
C PRO B 62 0.67 -9.01 1.51
N VAL B 63 1.61 -9.73 0.88
CA VAL B 63 1.50 -10.07 -0.53
C VAL B 63 1.64 -11.58 -0.67
N ILE B 64 1.02 -12.11 -1.71
CA ILE B 64 0.87 -13.55 -1.90
C ILE B 64 1.67 -13.96 -3.12
N GLY B 65 2.55 -14.94 -2.95
CA GLY B 65 3.30 -15.47 -4.06
C GLY B 65 2.44 -16.34 -4.96
N GLU B 66 3.04 -16.75 -6.08
CA GLU B 66 2.31 -17.54 -7.06
C GLU B 66 1.97 -18.94 -6.54
N ASP B 67 2.72 -19.46 -5.57
CA ASP B 67 2.46 -20.77 -5.00
C ASP B 67 1.53 -20.72 -3.79
N GLY B 68 1.08 -19.54 -3.38
CA GLY B 68 0.22 -19.38 -2.24
C GLY B 68 0.90 -18.88 -0.99
N THR B 69 2.23 -18.77 -1.00
CA THR B 69 2.93 -18.27 0.17
C THR B 69 2.57 -16.81 0.45
N ILE B 70 2.34 -16.50 1.72
CA ILE B 70 1.97 -15.16 2.15
C ILE B 70 3.19 -14.54 2.82
N TYR B 71 3.67 -13.43 2.26
CA TYR B 71 4.79 -12.68 2.81
C TYR B 71 4.28 -11.45 3.52
N VAL B 72 4.74 -11.23 4.75
CA VAL B 72 4.33 -10.07 5.53
C VAL B 72 5.53 -9.58 6.34
N GLY B 73 5.64 -8.26 6.48
CA GLY B 73 6.69 -7.65 7.27
C GLY B 73 6.15 -7.21 8.62
N SER B 74 6.96 -7.39 9.65
CA SER B 74 6.58 -7.06 11.01
C SER B 74 7.50 -5.98 11.57
N ASN B 75 6.99 -5.27 12.58
CA ASN B 75 7.82 -4.29 13.28
C ASN B 75 8.93 -4.94 14.10
N ASP B 76 8.92 -6.27 14.24
CA ASP B 76 10.03 -6.96 14.89
C ASP B 76 11.25 -7.08 13.99
N GLY B 77 11.19 -6.58 12.76
CA GLY B 77 12.32 -6.56 11.86
C GLY B 77 12.36 -7.67 10.84
N HIS B 78 11.44 -8.64 10.91
CA HIS B 78 11.47 -9.80 10.04
C HIS B 78 10.51 -9.66 8.88
N LEU B 79 10.89 -10.25 7.75
CA LEU B 79 9.97 -10.56 6.67
C LEU B 79 9.59 -12.03 6.79
N TYR B 80 8.32 -12.29 7.06
CA TYR B 80 7.84 -13.65 7.30
C TYR B 80 7.26 -14.24 6.02
N ALA B 81 7.59 -15.50 5.76
CA ALA B 81 6.98 -16.28 4.70
C ALA B 81 6.12 -17.35 5.36
N ILE B 82 4.81 -17.32 5.09
CA ILE B 82 3.83 -18.15 5.78
C ILE B 82 3.13 -19.03 4.76
N ASN B 83 3.07 -20.33 5.06
CA ASN B 83 2.39 -21.28 4.21
C ASN B 83 0.88 -21.03 4.24
N PRO B 84 0.15 -21.49 3.22
CA PRO B 84 -1.30 -21.26 3.20
C PRO B 84 -2.06 -21.84 4.38
N ASP B 85 -1.46 -22.77 5.12
CA ASP B 85 -2.12 -23.36 6.28
C ASP B 85 -1.77 -22.65 7.58
N GLY B 86 -1.02 -21.55 7.52
CA GLY B 86 -0.70 -20.78 8.70
C GLY B 86 0.65 -21.08 9.33
N THR B 87 1.39 -22.05 8.79
CA THR B 87 2.70 -22.40 9.33
C THR B 87 3.78 -21.54 8.66
N GLU B 88 4.83 -21.27 9.43
CA GLU B 88 5.92 -20.41 8.96
C GLU B 88 6.81 -21.17 7.99
N LYS B 89 7.04 -20.59 6.81
CA LYS B 89 7.97 -21.16 5.85
C LYS B 89 9.41 -20.76 6.18
N TRP B 90 9.66 -19.46 6.33
CA TRP B 90 10.94 -18.98 6.83
C TRP B 90 10.75 -17.53 7.30
N ARG B 91 11.84 -16.96 7.81
CA ARG B 91 11.86 -15.57 8.21
C ARG B 91 13.21 -14.97 7.85
N PHE B 92 13.20 -13.69 7.47
CA PHE B 92 14.41 -12.96 7.14
C PHE B 92 14.49 -11.72 8.02
N LYS B 93 15.54 -11.62 8.81
CA LYS B 93 15.70 -10.51 9.74
C LYS B 93 16.42 -9.35 9.07
N THR B 94 15.83 -8.16 9.17
CA THR B 94 16.48 -6.91 8.80
C THR B 94 16.88 -6.16 10.07
N GLY B 95 17.50 -4.99 9.88
CA GLY B 95 18.05 -4.27 11.00
C GLY B 95 17.01 -3.60 11.88
N LYS B 96 15.92 -3.14 11.28
CA LYS B 96 14.89 -2.39 12.00
C LYS B 96 13.52 -2.85 11.54
N ALA B 97 12.49 -2.15 12.03
CA ALA B 97 11.12 -2.51 11.73
C ALA B 97 10.85 -2.43 10.23
N ILE B 98 10.04 -3.36 9.74
CA ILE B 98 9.59 -3.35 8.35
C ILE B 98 8.18 -2.78 8.34
N GLU B 99 8.06 -1.52 7.91
CA GLU B 99 6.77 -0.85 7.84
C GLU B 99 6.12 -0.92 6.46
N ALA B 100 6.86 -1.35 5.45
CA ALA B 100 6.40 -1.34 4.07
C ALA B 100 6.11 -2.75 3.59
N SER B 101 5.12 -2.87 2.71
CA SER B 101 4.77 -4.16 2.16
C SER B 101 5.84 -4.65 1.20
N PRO B 102 6.09 -5.95 1.15
CA PRO B 102 6.98 -6.49 0.13
C PRO B 102 6.31 -6.49 -1.24
N VAL B 103 7.11 -6.74 -2.26
CA VAL B 103 6.62 -6.92 -3.62
C VAL B 103 7.45 -8.00 -4.29
N ILE B 104 6.82 -8.73 -5.20
CA ILE B 104 7.40 -9.92 -5.80
C ILE B 104 7.74 -9.65 -7.25
N GLY B 105 9.00 -9.92 -7.63
CA GLY B 105 9.40 -9.83 -9.01
C GLY B 105 8.92 -11.01 -9.83
N GLU B 106 9.16 -10.92 -11.14
CA GLU B 106 8.68 -11.97 -12.04
C GLU B 106 9.49 -13.26 -11.93
N ASP B 107 10.69 -13.20 -11.37
CA ASP B 107 11.48 -14.40 -11.13
C ASP B 107 11.28 -14.97 -9.73
N GLY B 108 10.33 -14.43 -8.97
CA GLY B 108 10.07 -14.89 -7.62
C GLY B 108 10.77 -14.11 -6.53
N THR B 109 11.67 -13.20 -6.88
CA THR B 109 12.39 -12.42 -5.87
C THR B 109 11.43 -11.55 -5.08
N ILE B 110 11.56 -11.59 -3.75
CA ILE B 110 10.75 -10.78 -2.86
C ILE B 110 11.57 -9.56 -2.46
N TYR B 111 11.09 -8.38 -2.83
CA TYR B 111 11.73 -7.13 -2.46
C TYR B 111 10.97 -6.48 -1.30
N VAL B 112 11.72 -5.95 -0.34
CA VAL B 112 11.11 -5.30 0.82
C VAL B 112 12.06 -4.23 1.33
N GLY B 113 11.48 -3.13 1.80
CA GLY B 113 12.24 -2.05 2.40
C GLY B 113 12.16 -2.12 3.92
N SER B 114 13.24 -1.71 4.57
CA SER B 114 13.33 -1.74 6.02
C SER B 114 13.61 -0.35 6.57
N ASN B 115 13.28 -0.16 7.85
CA ASN B 115 13.61 1.10 8.51
C ASN B 115 15.11 1.27 8.73
N ASP B 116 15.92 0.25 8.46
CA ASP B 116 17.36 0.39 8.52
C ASP B 116 17.94 1.05 7.28
N GLY B 117 17.09 1.51 6.37
CA GLY B 117 17.53 2.23 5.19
C GLY B 117 17.73 1.38 3.95
N HIS B 118 17.76 0.05 4.08
CA HIS B 118 18.12 -0.82 2.99
C HIS B 118 16.88 -1.35 2.27
N LEU B 119 17.00 -1.47 0.94
CA LEU B 119 16.07 -2.26 0.15
C LEU B 119 16.66 -3.65 -0.01
N TYR B 120 15.91 -4.68 0.39
CA TYR B 120 16.38 -6.05 0.35
C TYR B 120 15.73 -6.81 -0.81
N ALA B 121 16.54 -7.60 -1.50
CA ALA B 121 16.06 -8.57 -2.48
C ALA B 121 16.27 -9.96 -1.90
N ILE B 122 15.18 -10.69 -1.71
CA ILE B 122 15.21 -11.97 -1.01
C ILE B 122 14.81 -13.07 -1.99
N ASN B 123 15.61 -14.14 -2.02
CA ASN B 123 15.26 -15.30 -2.82
C ASN B 123 14.04 -16.01 -2.23
N PRO B 124 13.28 -16.74 -3.05
CA PRO B 124 12.10 -17.44 -2.53
C PRO B 124 12.41 -18.46 -1.44
N ASP B 125 13.66 -18.90 -1.31
CA ASP B 125 14.04 -19.83 -0.26
C ASP B 125 14.47 -19.12 1.02
N GLY B 126 14.33 -17.79 1.08
CA GLY B 126 14.63 -17.04 2.28
C GLY B 126 16.03 -16.48 2.36
N THR B 127 16.91 -16.83 1.43
CA THR B 127 18.28 -16.33 1.44
C THR B 127 18.36 -14.97 0.75
N GLU B 128 19.29 -14.14 1.20
CA GLU B 128 19.42 -12.79 0.66
C GLU B 128 20.05 -12.83 -0.72
N LYS B 129 19.46 -12.08 -1.65
CA LYS B 129 20.04 -11.91 -2.98
C LYS B 129 21.00 -10.73 -3.01
N TRP B 130 20.52 -9.54 -2.65
CA TRP B 130 21.37 -8.38 -2.45
C TRP B 130 20.63 -7.38 -1.57
N ARG B 131 21.34 -6.31 -1.21
CA ARG B 131 20.74 -5.19 -0.50
C ARG B 131 21.33 -3.89 -1.04
N PHE B 132 20.52 -2.83 -0.99
CA PHE B 132 20.93 -1.51 -1.43
C PHE B 132 20.54 -0.50 -0.36
N LYS B 133 21.47 0.40 -0.04
CA LYS B 133 21.30 1.34 1.06
C LYS B 133 20.84 2.69 0.53
N THR B 134 19.63 3.09 0.89
CA THR B 134 19.20 4.48 0.72
C THR B 134 19.60 5.27 1.96
N GLY B 135 19.36 6.59 1.91
CA GLY B 135 19.85 7.46 2.96
C GLY B 135 19.20 7.24 4.31
N LYS B 136 17.91 6.92 4.34
CA LYS B 136 17.17 6.82 5.58
C LYS B 136 16.18 5.66 5.50
N ALA B 137 15.37 5.54 6.55
CA ALA B 137 14.39 4.47 6.64
C ALA B 137 13.49 4.43 5.42
N ILE B 138 13.12 3.23 4.99
CA ILE B 138 12.21 3.03 3.88
C ILE B 138 10.86 2.60 4.44
N GLU B 139 9.86 3.48 4.30
CA GLU B 139 8.50 3.18 4.73
C GLU B 139 7.57 2.85 3.58
N ALA B 140 8.02 3.01 2.34
CA ALA B 140 7.19 2.80 1.16
C ALA B 140 7.47 1.44 0.54
N SER B 141 6.41 0.74 0.16
CA SER B 141 6.57 -0.53 -0.54
C SER B 141 7.19 -0.26 -1.91
N PRO B 142 8.13 -1.11 -2.34
CA PRO B 142 8.68 -0.95 -3.69
C PRO B 142 7.70 -1.41 -4.76
N VAL B 143 7.90 -0.88 -5.96
N VAL B 143 7.86 -0.85 -5.95
CA VAL B 143 7.09 -1.21 -7.13
CA VAL B 143 7.09 -1.27 -7.11
C VAL B 143 8.02 -1.53 -8.28
C VAL B 143 8.07 -1.60 -8.22
N ILE B 144 7.67 -2.54 -9.07
CA ILE B 144 8.50 -3.06 -10.14
C ILE B 144 7.98 -2.55 -11.48
N GLY B 145 8.88 -1.99 -12.29
CA GLY B 145 8.52 -1.59 -13.64
C GLY B 145 8.53 -2.77 -14.60
N GLU B 146 8.12 -2.48 -15.84
CA GLU B 146 8.01 -3.54 -16.84
C GLU B 146 9.36 -4.16 -17.17
N ASP B 147 10.43 -3.38 -17.14
CA ASP B 147 11.76 -3.88 -17.46
C ASP B 147 12.50 -4.44 -16.23
N GLY B 148 11.80 -4.59 -15.11
CA GLY B 148 12.39 -5.15 -13.91
C GLY B 148 12.92 -4.14 -12.92
N THR B 149 12.94 -2.85 -13.28
CA THR B 149 13.43 -1.83 -12.37
C THR B 149 12.57 -1.77 -11.11
N ILE B 150 13.24 -1.71 -9.96
CA ILE B 150 12.56 -1.60 -8.67
C ILE B 150 12.62 -0.15 -8.22
N TYR B 151 11.45 0.46 -8.08
CA TYR B 151 11.34 1.83 -7.60
C TYR B 151 10.98 1.81 -6.12
N VAL B 152 11.74 2.53 -5.31
CA VAL B 152 11.55 2.54 -3.86
C VAL B 152 11.69 3.97 -3.35
N GLY B 153 10.73 4.42 -2.55
CA GLY B 153 10.81 5.72 -1.90
C GLY B 153 11.50 5.60 -0.55
N SER B 154 12.28 6.61 -0.21
CA SER B 154 13.05 6.62 1.02
C SER B 154 12.75 7.87 1.82
N ASN B 155 13.01 7.80 3.12
CA ASN B 155 12.83 8.97 3.98
C ASN B 155 13.88 10.04 3.74
N ASP B 156 14.92 9.76 2.95
CA ASP B 156 15.88 10.78 2.57
C ASP B 156 15.35 11.72 1.49
N GLY B 157 14.11 11.53 1.04
CA GLY B 157 13.48 12.42 0.10
C GLY B 157 13.55 11.99 -1.35
N HIS B 158 14.24 10.90 -1.66
CA HIS B 158 14.46 10.48 -3.03
C HIS B 158 13.60 9.27 -3.38
N LEU B 159 13.25 9.18 -4.66
CA LEU B 159 12.73 7.95 -5.25
C LEU B 159 13.86 7.29 -6.03
N TYR B 160 14.21 6.07 -5.65
CA TYR B 160 15.34 5.37 -6.23
C TYR B 160 14.85 4.37 -7.28
N ALA B 161 15.49 4.38 -8.44
CA ALA B 161 15.30 3.34 -9.45
C ALA B 161 16.47 2.38 -9.35
N ILE B 162 16.19 1.14 -8.98
CA ILE B 162 17.23 0.14 -8.71
C ILE B 162 17.18 -0.93 -9.78
N ASN B 163 18.34 -1.25 -10.35
CA ASN B 163 18.41 -2.32 -11.33
C ASN B 163 18.17 -3.67 -10.65
N PRO B 164 17.46 -4.60 -11.31
CA PRO B 164 17.09 -5.89 -10.70
C PRO B 164 18.26 -6.85 -10.57
C1 MPD C . -10.49 25.67 -10.16
C2 MPD C . -10.66 24.37 -9.38
O2 MPD C . -9.41 23.64 -9.44
CM MPD C . -10.99 24.68 -7.92
C3 MPD C . -11.76 23.53 -10.02
C4 MPD C . -11.23 22.73 -11.20
O4 MPD C . -11.18 21.37 -10.86
C5 MPD C . -12.12 22.93 -12.43
C1 MPD D . -5.69 22.57 0.90
C2 MPD D . -6.11 23.42 -0.30
O2 MPD D . -7.08 22.66 -1.06
CM MPD D . -6.76 24.72 0.15
C3 MPD D . -4.90 23.72 -1.19
C4 MPD D . -5.14 23.21 -2.61
O4 MPD D . -5.68 24.24 -3.40
C5 MPD D . -3.82 22.74 -3.23
#